data_4N6C
#
_entry.id   4N6C
#
_cell.length_a   62.960
_cell.length_b   36.078
_cell.length_c   82.163
_cell.angle_alpha   90.000
_cell.angle_beta   100.000
_cell.angle_gamma   90.000
#
_symmetry.space_group_name_H-M   'P 1 21 1'
#
loop_
_entity.id
_entity.type
_entity.pdbx_description
1 polymer 'uncharacterized protein'
2 non-polymer 'BROMIDE ION'
3 water water
#
_entity_poly.entity_id   1
_entity_poly.type   'polypeptide(L)'
_entity_poly.pdbx_seq_one_letter_code
;(MSE)GHHHHHHSH(MSE)LRTYENKEELKAEIEKTFEKYILEFDNIPENLKDKRADEVDRTPAENLAYQVGWTNLVLKW
EEDERKGLQVKTPSDKFKWNQLGELYQWFTDTYAHLSLQELKAKLNENINSISA(MSE)IDSLSEEELFEPH(MSE)RKW
ADEATKTATWEVYKFIHVNTVAPFGTFRTKIRKWKKIVL
;
_entity_poly.pdbx_strand_id   A,B
#
# COMPACT_ATOMS: atom_id res chain seq x y z
N GLY A 2 -16.61 -5.85 -7.31
CA GLY A 2 -16.05 -6.28 -8.63
C GLY A 2 -14.64 -5.78 -8.84
N HIS A 3 -14.37 -4.55 -8.39
CA HIS A 3 -13.06 -3.96 -8.52
C HIS A 3 -11.96 -4.70 -7.77
N HIS A 4 -12.33 -5.63 -6.89
CA HIS A 4 -11.32 -6.35 -6.16
C HIS A 4 -10.58 -7.33 -7.07
N HIS A 5 -11.09 -7.51 -8.28
CA HIS A 5 -10.46 -8.37 -9.29
C HIS A 5 -9.15 -7.68 -9.75
N HIS A 6 -9.09 -6.36 -9.54
CA HIS A 6 -7.92 -5.57 -9.92
C HIS A 6 -6.67 -6.21 -9.30
N HIS A 7 -5.60 -6.30 -10.07
CA HIS A 7 -4.40 -6.91 -9.57
C HIS A 7 -3.55 -6.18 -8.55
N HIS A 8 -3.97 -4.98 -8.19
CA HIS A 8 -3.26 -4.26 -7.16
C HIS A 8 -4.17 -3.92 -6.00
N SER A 9 -5.28 -4.66 -5.89
CA SER A 9 -6.24 -4.42 -4.81
C SER A 9 -5.67 -4.70 -3.42
N HIS A 10 -4.56 -5.44 -3.36
CA HIS A 10 -3.92 -5.79 -2.11
C HIS A 10 -2.79 -4.83 -1.75
N LEU A 12 -3.36 -1.33 -1.27
CA LEU A 12 -4.02 -0.05 -0.97
C LEU A 12 -3.15 0.75 0.00
N ARG A 13 -3.42 2.05 0.08
CA ARG A 13 -2.60 3.04 0.81
CA ARG A 13 -2.64 3.00 0.83
C ARG A 13 -3.57 4.10 1.34
N THR A 14 -3.28 4.63 2.51
CA THR A 14 -3.89 5.82 3.04
C THR A 14 -3.12 7.07 2.56
N TYR A 15 -3.80 8.13 2.19
CA TYR A 15 -3.17 9.42 1.90
C TYR A 15 -3.73 10.56 2.78
N GLU A 16 -2.86 11.52 3.15
CA GLU A 16 -3.30 12.65 3.98
C GLU A 16 -4.10 13.70 3.22
N ASN A 17 -3.71 13.98 1.98
CA ASN A 17 -4.40 14.99 1.19
C ASN A 17 -4.05 14.82 -0.30
N LYS A 18 -4.63 15.69 -1.13
CA LYS A 18 -4.39 15.63 -2.58
C LYS A 18 -2.93 15.81 -2.94
N GLU A 19 -2.25 16.71 -2.24
CA GLU A 19 -0.85 16.97 -2.52
C GLU A 19 0.02 15.74 -2.26
N GLU A 20 -0.28 15.00 -1.19
CA GLU A 20 0.50 13.79 -0.89
C GLU A 20 0.25 12.78 -2.02
N LEU A 21 -0.99 12.68 -2.49
CA LEU A 21 -1.29 11.74 -3.58
C LEU A 21 -0.56 12.14 -4.87
N LYS A 22 -0.64 13.41 -5.26
CA LYS A 22 0.04 13.83 -6.48
C LYS A 22 1.56 13.65 -6.36
N ALA A 23 2.14 13.94 -5.19
CA ALA A 23 3.57 13.79 -5.03
C ALA A 23 4.01 12.33 -5.18
N GLU A 24 3.23 11.40 -4.65
CA GLU A 24 3.60 9.99 -4.77
C GLU A 24 3.44 9.49 -6.21
N ILE A 25 2.43 9.97 -6.92
CA ILE A 25 2.24 9.55 -8.31
C ILE A 25 3.46 10.04 -9.12
N GLU A 26 3.85 11.30 -8.93
CA GLU A 26 4.98 11.83 -9.69
C GLU A 26 6.29 11.14 -9.33
N LYS A 27 6.51 10.89 -8.04
CA LYS A 27 7.73 10.24 -7.61
C LYS A 27 7.86 8.82 -8.19
N THR A 28 6.80 8.02 -8.05
CA THR A 28 6.84 6.65 -8.54
C THR A 28 6.83 6.58 -10.06
N PHE A 29 6.18 7.54 -10.70
CA PHE A 29 6.15 7.53 -12.16
C PHE A 29 7.57 7.82 -12.67
N GLU A 30 8.22 8.82 -12.09
CA GLU A 30 9.58 9.17 -12.52
C GLU A 30 10.55 8.02 -12.36
N LYS A 31 10.45 7.30 -11.25
CA LYS A 31 11.35 6.17 -11.01
C LYS A 31 11.08 5.02 -11.99
N TYR A 32 9.82 4.83 -12.35
CA TYR A 32 9.44 3.77 -13.29
C TYR A 32 9.87 4.09 -14.71
N ILE A 33 9.56 5.30 -15.17
CA ILE A 33 9.86 5.72 -16.51
C ILE A 33 11.35 5.87 -16.82
N LEU A 34 12.13 6.21 -15.80
CA LEU A 34 13.57 6.36 -15.94
C LEU A 34 14.22 5.06 -16.42
N GLU A 35 13.63 3.93 -16.03
CA GLU A 35 14.16 2.62 -16.40
C GLU A 35 14.14 2.35 -17.89
N PHE A 36 13.25 3.04 -18.60
CA PHE A 36 13.16 2.82 -20.04
C PHE A 36 14.13 3.68 -20.85
N ASP A 37 14.85 4.57 -20.18
CA ASP A 37 15.81 5.45 -20.83
C ASP A 37 16.87 4.77 -21.70
N ASN A 38 17.32 3.59 -21.29
CA ASN A 38 18.33 2.90 -22.09
C ASN A 38 17.86 1.59 -22.67
N ILE A 39 16.56 1.47 -22.91
CA ILE A 39 16.02 0.29 -23.54
C ILE A 39 15.81 0.74 -24.99
N PRO A 40 16.51 0.12 -25.94
CA PRO A 40 16.37 0.51 -27.35
C PRO A 40 15.07 0.06 -27.99
N GLU A 41 14.60 0.83 -28.95
CA GLU A 41 13.37 0.51 -29.66
C GLU A 41 13.46 -0.89 -30.28
N ASN A 42 14.64 -1.29 -30.77
CA ASN A 42 14.75 -2.61 -31.38
C ASN A 42 14.61 -3.79 -30.45
N LEU A 43 14.51 -3.52 -29.16
CA LEU A 43 14.31 -4.58 -28.18
C LEU A 43 12.99 -4.36 -27.45
N LYS A 44 12.15 -3.45 -27.93
CA LYS A 44 10.88 -3.17 -27.26
C LYS A 44 9.90 -4.35 -27.26
N ASP A 45 10.07 -5.26 -28.21
CA ASP A 45 9.21 -6.42 -28.33
C ASP A 45 9.94 -7.72 -27.94
N LYS A 46 11.14 -7.59 -27.38
CA LYS A 46 11.91 -8.75 -26.96
C LYS A 46 11.41 -9.27 -25.63
N ARG A 47 11.03 -10.55 -25.63
CA ARG A 47 10.50 -11.20 -24.44
C ARG A 47 11.58 -11.97 -23.68
N ALA A 48 11.65 -11.75 -22.36
CA ALA A 48 12.61 -12.47 -21.53
C ALA A 48 11.83 -13.66 -20.94
N ASP A 49 12.51 -14.76 -20.70
CA ASP A 49 11.88 -15.99 -20.21
C ASP A 49 11.08 -15.93 -18.92
N GLU A 50 11.66 -15.35 -17.89
CA GLU A 50 10.99 -15.26 -16.59
C GLU A 50 10.24 -13.96 -16.35
N VAL A 51 9.98 -13.20 -17.41
CA VAL A 51 9.24 -11.95 -17.31
C VAL A 51 8.09 -12.03 -18.31
N ASP A 52 6.87 -11.82 -17.82
CA ASP A 52 5.69 -11.91 -18.67
C ASP A 52 5.60 -10.95 -19.83
N ARG A 53 5.92 -9.69 -19.59
CA ARG A 53 5.80 -8.67 -20.63
C ARG A 53 7.06 -8.12 -21.25
N THR A 54 6.95 -7.70 -22.50
CA THR A 54 8.07 -7.08 -23.21
C THR A 54 8.06 -5.63 -22.70
N PRO A 55 9.10 -4.83 -23.00
CA PRO A 55 9.09 -3.45 -22.52
C PRO A 55 7.87 -2.67 -23.04
N ALA A 56 7.52 -2.88 -24.30
CA ALA A 56 6.36 -2.19 -24.90
C ALA A 56 5.06 -2.65 -24.24
N GLU A 57 4.92 -3.95 -23.96
CA GLU A 57 3.70 -4.44 -23.32
C GLU A 57 3.58 -3.89 -21.88
N ASN A 58 4.72 -3.71 -21.22
CA ASN A 58 4.79 -3.19 -19.86
C ASN A 58 4.24 -1.74 -19.89
N LEU A 59 4.76 -0.91 -20.79
CA LEU A 59 4.28 0.48 -20.92
C LEU A 59 2.79 0.50 -21.36
N ALA A 60 2.43 -0.36 -22.31
CA ALA A 60 1.06 -0.44 -22.82
C ALA A 60 0.03 -0.70 -21.73
N TYR A 61 0.42 -1.47 -20.72
CA TYR A 61 -0.47 -1.79 -19.61
C TYR A 61 -0.79 -0.52 -18.82
N GLN A 62 0.21 0.33 -18.58
CA GLN A 62 0.00 1.56 -17.82
C GLN A 62 -0.80 2.57 -18.67
N VAL A 63 -0.49 2.65 -19.95
CA VAL A 63 -1.20 3.57 -20.84
C VAL A 63 -2.66 3.10 -20.85
N GLY A 64 -2.85 1.79 -20.93
CA GLY A 64 -4.21 1.26 -20.97
C GLY A 64 -5.06 1.62 -19.75
N TRP A 65 -4.55 1.29 -18.57
CA TRP A 65 -5.28 1.59 -17.35
C TRP A 65 -5.46 3.07 -17.08
N THR A 66 -4.43 3.88 -17.31
CA THR A 66 -4.58 5.31 -17.04
C THR A 66 -5.57 5.92 -18.04
N ASN A 67 -5.61 5.40 -19.27
CA ASN A 67 -6.56 5.91 -20.25
C ASN A 67 -7.97 5.58 -19.73
N LEU A 68 -8.17 4.38 -19.17
CA LEU A 68 -9.50 4.02 -18.68
C LEU A 68 -9.94 4.89 -17.49
N VAL A 69 -9.05 5.12 -16.51
CA VAL A 69 -9.45 5.96 -15.36
C VAL A 69 -9.82 7.36 -15.84
N LEU A 70 -9.02 7.91 -16.74
CA LEU A 70 -9.31 9.25 -17.26
C LEU A 70 -10.64 9.27 -18.01
N LYS A 71 -10.93 8.20 -18.76
CA LYS A 71 -12.19 8.11 -19.51
C LYS A 71 -13.41 8.01 -18.60
N TRP A 72 -13.30 7.24 -17.51
CA TRP A 72 -14.43 7.12 -16.59
C TRP A 72 -14.81 8.49 -16.06
N GLU A 73 -13.82 9.26 -15.62
CA GLU A 73 -14.10 10.57 -15.08
C GLU A 73 -14.54 11.59 -16.11
N GLU A 74 -13.93 11.59 -17.30
CA GLU A 74 -14.33 12.54 -18.33
C GLU A 74 -15.76 12.24 -18.77
N ASP A 75 -16.08 10.96 -18.97
CA ASP A 75 -17.42 10.57 -19.36
C ASP A 75 -18.43 11.02 -18.29
N GLU A 76 -18.13 10.77 -17.01
CA GLU A 76 -19.06 11.19 -15.97
C GLU A 76 -19.21 12.71 -15.94
N ARG A 77 -18.11 13.43 -16.13
CA ARG A 77 -18.13 14.90 -16.13
C ARG A 77 -19.04 15.41 -17.25
N LYS A 78 -19.09 14.69 -18.36
CA LYS A 78 -19.91 15.05 -19.50
C LYS A 78 -21.36 14.56 -19.38
N GLY A 79 -21.66 13.97 -18.23
CA GLY A 79 -23.01 13.49 -17.97
C GLY A 79 -23.36 12.10 -18.41
N LEU A 80 -22.36 11.30 -18.73
CA LEU A 80 -22.59 9.94 -19.18
C LEU A 80 -22.56 8.86 -18.10
N GLN A 81 -23.22 7.74 -18.39
CA GLN A 81 -23.27 6.60 -17.50
C GLN A 81 -22.05 5.76 -17.92
N VAL A 82 -21.24 5.39 -16.96
CA VAL A 82 -19.99 4.67 -17.21
C VAL A 82 -19.95 3.19 -16.92
N LYS A 83 -19.41 2.43 -17.86
CA LYS A 83 -19.26 0.99 -17.66
C LYS A 83 -17.79 0.74 -17.26
N THR A 84 -17.58 0.05 -16.15
CA THR A 84 -16.23 -0.28 -15.69
C THR A 84 -16.03 -1.80 -15.67
N PRO A 85 -14.80 -2.26 -15.94
CA PRO A 85 -13.60 -1.44 -16.19
C PRO A 85 -13.54 -0.82 -17.60
N SER A 86 -14.28 -1.39 -18.54
CA SER A 86 -14.31 -0.87 -19.91
C SER A 86 -15.62 -1.27 -20.56
N ASP A 87 -15.86 -0.75 -21.76
CA ASP A 87 -17.09 -1.06 -22.45
C ASP A 87 -17.10 -2.50 -22.96
N LYS A 88 -15.92 -3.02 -23.31
CA LYS A 88 -15.79 -4.39 -23.84
C LYS A 88 -15.52 -5.51 -22.86
N PHE A 89 -14.93 -5.18 -21.72
CA PHE A 89 -14.57 -6.21 -20.76
C PHE A 89 -15.02 -5.95 -19.34
N LYS A 90 -15.48 -7.01 -18.68
CA LYS A 90 -15.96 -6.94 -17.30
C LYS A 90 -14.83 -7.13 -16.30
N TRP A 91 -15.12 -6.93 -15.01
CA TRP A 91 -14.10 -7.09 -14.00
C TRP A 91 -13.53 -8.50 -13.88
N ASN A 92 -14.30 -9.50 -14.33
CA ASN A 92 -13.80 -10.86 -14.28
C ASN A 92 -13.15 -11.26 -15.62
N GLN A 93 -12.85 -10.27 -16.46
CA GLN A 93 -12.22 -10.52 -17.76
C GLN A 93 -10.98 -9.65 -17.92
N LEU A 94 -10.24 -9.42 -16.84
CA LEU A 94 -9.05 -8.58 -16.93
C LEU A 94 -7.95 -9.16 -17.82
N GLY A 95 -7.85 -10.48 -17.87
CA GLY A 95 -6.84 -11.10 -18.71
C GLY A 95 -7.07 -10.70 -20.16
N GLU A 96 -8.32 -10.72 -20.59
CA GLU A 96 -8.70 -10.31 -21.95
CA GLU A 96 -8.70 -10.30 -21.93
C GLU A 96 -8.51 -8.80 -22.12
N LEU A 97 -8.76 -8.03 -21.08
CA LEU A 97 -8.58 -6.58 -21.17
C LEU A 97 -7.08 -6.31 -21.38
N TYR A 98 -6.21 -7.03 -20.67
CA TYR A 98 -4.77 -6.82 -20.82
C TYR A 98 -4.30 -7.16 -22.23
N GLN A 99 -4.84 -8.21 -22.82
CA GLN A 99 -4.44 -8.56 -24.18
C GLN A 99 -4.93 -7.44 -25.11
N TRP A 100 -6.08 -6.84 -24.78
CA TRP A 100 -6.61 -5.76 -25.59
C TRP A 100 -5.63 -4.56 -25.48
N PHE A 101 -5.05 -4.34 -24.28
CA PHE A 101 -4.07 -3.24 -24.11
C PHE A 101 -2.88 -3.51 -25.04
N THR A 102 -2.41 -4.75 -25.06
CA THR A 102 -1.28 -5.08 -25.92
C THR A 102 -1.63 -4.87 -27.39
N ASP A 103 -2.78 -5.39 -27.81
CA ASP A 103 -3.21 -5.26 -29.20
C ASP A 103 -3.39 -3.80 -29.63
N THR A 104 -3.92 -3.00 -28.71
CA THR A 104 -4.20 -1.59 -28.96
C THR A 104 -3.00 -0.65 -28.90
N TYR A 105 -2.10 -0.93 -27.97
CA TYR A 105 -0.97 -0.04 -27.73
C TYR A 105 0.46 -0.54 -27.87
N ALA A 106 0.70 -1.83 -27.65
CA ALA A 106 2.05 -2.34 -27.67
C ALA A 106 2.86 -2.22 -28.96
N HIS A 107 2.18 -2.07 -30.08
CA HIS A 107 2.83 -1.93 -31.36
C HIS A 107 3.52 -0.58 -31.49
N LEU A 108 3.13 0.38 -30.64
CA LEU A 108 3.73 1.71 -30.67
C LEU A 108 5.19 1.67 -30.22
N SER A 109 5.94 2.71 -30.57
CA SER A 109 7.34 2.79 -30.17
C SER A 109 7.38 3.14 -28.68
N LEU A 110 8.52 2.88 -28.04
CA LEU A 110 8.68 3.19 -26.63
C LEU A 110 8.55 4.72 -26.47
N GLN A 111 9.08 5.47 -27.43
CA GLN A 111 9.00 6.93 -27.38
C GLN A 111 7.55 7.38 -27.34
N GLU A 112 6.71 6.79 -28.21
CA GLU A 112 5.30 7.15 -28.27
C GLU A 112 4.56 6.73 -26.99
N LEU A 113 4.87 5.55 -26.47
CA LEU A 113 4.23 5.07 -25.24
C LEU A 113 4.62 5.95 -24.06
N LYS A 114 5.90 6.32 -23.95
CA LYS A 114 6.33 7.17 -22.85
C LYS A 114 5.63 8.54 -22.93
N ALA A 115 5.48 9.06 -24.14
CA ALA A 115 4.83 10.36 -24.32
C ALA A 115 3.37 10.32 -23.89
N LYS A 116 2.69 9.22 -24.22
CA LYS A 116 1.30 9.04 -23.85
C LYS A 116 1.16 8.90 -22.34
N LEU A 117 2.02 8.09 -21.74
CA LEU A 117 1.92 7.90 -20.29
C LEU A 117 2.20 9.21 -19.57
N ASN A 118 3.20 9.95 -20.05
CA ASN A 118 3.55 11.22 -19.44
C ASN A 118 2.34 12.16 -19.49
N GLU A 119 1.69 12.24 -20.65
CA GLU A 119 0.52 13.08 -20.84
C GLU A 119 -0.56 12.63 -19.85
N ASN A 120 -0.75 11.32 -19.72
CA ASN A 120 -1.76 10.82 -18.79
C ASN A 120 -1.47 11.15 -17.34
N ILE A 121 -0.21 11.14 -16.94
CA ILE A 121 0.12 11.47 -15.55
C ILE A 121 -0.25 12.94 -15.32
N ASN A 122 0.06 13.79 -16.30
CA ASN A 122 -0.28 15.20 -16.15
C ASN A 122 -1.82 15.34 -16.08
N SER A 123 -2.56 14.59 -16.90
CA SER A 123 -4.02 14.68 -16.86
C SER A 123 -4.60 14.16 -15.53
N ILE A 124 -3.97 13.14 -14.96
CA ILE A 124 -4.47 12.61 -13.68
C ILE A 124 -4.24 13.66 -12.58
N SER A 125 -3.12 14.39 -12.67
CA SER A 125 -2.85 15.43 -11.68
C SER A 125 -3.92 16.53 -11.82
N ALA A 126 -4.27 16.85 -13.07
CA ALA A 126 -5.29 17.88 -13.32
C ALA A 126 -6.63 17.39 -12.75
N ILE A 128 -7.11 15.32 -10.19
CA ILE A 128 -7.03 15.41 -8.74
C ILE A 128 -7.28 16.85 -8.30
N ASP A 129 -6.65 17.81 -8.99
CA ASP A 129 -6.83 19.22 -8.67
C ASP A 129 -8.29 19.67 -8.88
N SER A 130 -8.98 19.04 -9.84
CA SER A 130 -10.36 19.39 -10.18
C SER A 130 -11.44 18.87 -9.26
N LEU A 131 -11.09 17.87 -8.48
CA LEU A 131 -12.04 17.29 -7.54
C LEU A 131 -11.80 17.89 -6.16
N SER A 132 -12.86 18.04 -5.38
CA SER A 132 -12.72 18.56 -4.02
C SER A 132 -12.06 17.44 -3.21
N GLU A 133 -11.57 17.74 -2.00
CA GLU A 133 -10.96 16.70 -1.18
C GLU A 133 -12.05 15.66 -0.90
N GLU A 134 -13.30 16.10 -0.75
CA GLU A 134 -14.42 15.19 -0.47
C GLU A 134 -14.66 14.22 -1.64
N GLU A 135 -14.72 14.76 -2.86
CA GLU A 135 -14.94 13.94 -4.05
C GLU A 135 -13.86 12.89 -4.23
N LEU A 136 -12.65 13.22 -3.84
CA LEU A 136 -11.53 12.31 -3.96
CA LEU A 136 -11.50 12.33 -3.93
C LEU A 136 -11.41 11.29 -2.84
N PHE A 137 -11.62 11.74 -1.62
CA PHE A 137 -11.43 10.88 -0.47
C PHE A 137 -12.61 10.25 0.26
N GLU A 138 -13.82 10.71 -0.03
CA GLU A 138 -15.00 10.17 0.61
C GLU A 138 -15.73 9.23 -0.33
N PRO A 139 -16.40 8.20 0.23
CA PRO A 139 -17.12 7.28 -0.66
C PRO A 139 -18.39 7.86 -1.25
N HIS A 140 -18.85 7.23 -2.32
CA HIS A 140 -20.08 7.60 -2.99
C HIS A 140 -20.15 9.01 -3.58
N ARG A 142 -18.62 9.54 -6.86
CA ARG A 142 -18.67 9.35 -8.31
C ARG A 142 -19.40 8.05 -8.61
N LYS A 143 -20.33 8.10 -9.55
CA LYS A 143 -21.10 6.91 -9.91
C LYS A 143 -20.17 5.84 -10.46
N TRP A 144 -19.16 6.22 -11.25
CA TRP A 144 -18.26 5.22 -11.79
C TRP A 144 -17.49 4.45 -10.73
N ALA A 145 -17.24 5.08 -9.58
CA ALA A 145 -16.49 4.41 -8.53
C ALA A 145 -17.36 3.41 -7.78
N ASP A 146 -18.67 3.61 -7.78
CA ASP A 146 -19.61 2.73 -7.09
C ASP A 146 -20.21 1.67 -8.02
N GLU A 147 -19.92 1.81 -9.30
CA GLU A 147 -20.43 0.94 -10.34
C GLU A 147 -20.41 -0.58 -10.21
N ALA A 148 -19.32 -1.11 -9.70
CA ALA A 148 -19.16 -2.55 -9.59
C ALA A 148 -19.18 -3.14 -8.20
N THR A 149 -19.35 -2.31 -7.19
CA THR A 149 -19.29 -2.77 -5.82
C THR A 149 -20.09 -3.99 -5.41
N LYS A 150 -19.40 -5.01 -4.90
CA LYS A 150 -20.07 -6.22 -4.43
C LYS A 150 -19.79 -6.34 -2.93
N THR A 151 -18.56 -6.04 -2.50
CA THR A 151 -18.23 -6.12 -1.08
C THR A 151 -17.89 -4.76 -0.44
N ALA A 152 -16.64 -4.32 -0.56
CA ALA A 152 -16.21 -3.06 0.04
C ALA A 152 -16.18 -1.95 -0.99
N THR A 153 -16.64 -0.77 -0.58
CA THR A 153 -16.66 0.39 -1.46
C THR A 153 -15.27 1.04 -1.54
N TRP A 154 -14.91 1.52 -2.73
CA TRP A 154 -13.64 2.22 -2.90
C TRP A 154 -13.94 3.65 -3.32
N GLU A 155 -13.20 4.57 -2.73
CA GLU A 155 -13.30 6.00 -3.02
C GLU A 155 -12.48 6.23 -4.32
N VAL A 156 -12.69 7.37 -4.96
CA VAL A 156 -11.98 7.69 -6.20
C VAL A 156 -10.46 7.57 -6.07
N TYR A 157 -9.89 8.05 -4.98
CA TYR A 157 -8.44 7.99 -4.82
C TYR A 157 -7.86 6.59 -4.86
N LYS A 158 -8.63 5.59 -4.41
CA LYS A 158 -8.16 4.21 -4.43
C LYS A 158 -8.00 3.73 -5.89
N PHE A 159 -8.97 4.08 -6.75
CA PHE A 159 -8.90 3.72 -8.16
C PHE A 159 -7.70 4.39 -8.82
N ILE A 160 -7.38 5.62 -8.42
CA ILE A 160 -6.24 6.32 -8.99
C ILE A 160 -4.96 5.63 -8.49
N HIS A 161 -4.88 5.40 -7.18
CA HIS A 161 -3.71 4.77 -6.59
C HIS A 161 -3.35 3.39 -7.15
N VAL A 162 -4.33 2.50 -7.28
CA VAL A 162 -4.02 1.17 -7.79
C VAL A 162 -3.67 1.11 -9.27
N ASN A 163 -3.91 2.21 -9.99
CA ASN A 163 -3.59 2.27 -11.40
C ASN A 163 -2.37 3.15 -11.70
N THR A 164 -1.74 3.70 -10.66
CA THR A 164 -0.57 4.55 -10.83
C THR A 164 0.59 4.19 -9.87
N VAL A 165 0.48 4.61 -8.62
CA VAL A 165 1.52 4.39 -7.63
C VAL A 165 1.85 2.91 -7.45
N ALA A 166 0.83 2.07 -7.31
CA ALA A 166 1.06 0.65 -7.10
C ALA A 166 1.72 -0.07 -8.29
N PRO A 167 1.13 0.01 -9.51
CA PRO A 167 1.79 -0.69 -10.62
C PRO A 167 3.13 -0.05 -11.03
N PHE A 168 3.29 1.25 -10.77
CA PHE A 168 4.57 1.86 -11.13
C PHE A 168 5.66 1.23 -10.29
N GLY A 169 5.28 0.79 -9.09
CA GLY A 169 6.23 0.13 -8.23
C GLY A 169 6.46 -1.31 -8.69
N THR A 170 5.41 -2.11 -8.84
CA THR A 170 5.62 -3.50 -9.26
C THR A 170 6.14 -3.71 -10.68
N PHE A 171 5.73 -2.86 -11.62
CA PHE A 171 6.22 -3.02 -12.98
C PHE A 171 7.63 -2.45 -13.13
N ARG A 172 8.07 -1.65 -12.16
CA ARG A 172 9.42 -1.12 -12.21
C ARG A 172 10.30 -2.34 -11.84
N THR A 173 9.86 -3.15 -10.87
CA THR A 173 10.61 -4.33 -10.46
C THR A 173 10.74 -5.28 -11.65
N LYS A 174 9.66 -5.44 -12.39
CA LYS A 174 9.67 -6.32 -13.56
C LYS A 174 10.58 -5.81 -14.67
N ILE A 175 10.53 -4.52 -14.98
CA ILE A 175 11.37 -4.01 -16.07
C ILE A 175 12.86 -4.05 -15.70
N ARG A 176 13.18 -3.89 -14.42
CA ARG A 176 14.57 -3.94 -13.98
C ARG A 176 15.05 -5.38 -14.17
N LYS A 177 14.19 -6.35 -13.87
CA LYS A 177 14.52 -7.77 -14.02
C LYS A 177 14.77 -8.09 -15.49
N TRP A 178 13.96 -7.47 -16.35
CA TRP A 178 14.06 -7.69 -17.79
C TRP A 178 15.38 -7.17 -18.32
N LYS A 179 15.79 -6.00 -17.84
CA LYS A 179 17.04 -5.41 -18.29
C LYS A 179 18.27 -6.19 -17.86
N LYS A 180 18.24 -6.69 -16.62
CA LYS A 180 19.36 -7.46 -16.08
C LYS A 180 19.60 -8.71 -16.93
N ILE A 181 18.53 -9.28 -17.43
CA ILE A 181 18.58 -10.48 -18.26
C ILE A 181 18.94 -10.23 -19.72
N VAL A 182 18.23 -9.28 -20.33
CA VAL A 182 18.39 -8.97 -21.73
C VAL A 182 19.51 -8.01 -22.16
N LEU A 183 19.69 -6.94 -21.40
CA LEU A 183 20.71 -5.97 -21.74
C LEU A 183 22.13 -6.37 -21.32
N HIS B 3 0.37 -15.60 7.44
CA HIS B 3 0.51 -14.14 7.67
C HIS B 3 -0.54 -13.32 6.92
N HIS B 4 -1.24 -13.94 5.96
CA HIS B 4 -2.26 -13.21 5.22
C HIS B 4 -3.48 -12.90 6.10
N HIS B 5 -3.56 -13.51 7.27
CA HIS B 5 -4.67 -13.21 8.18
C HIS B 5 -4.47 -11.79 8.73
N HIS B 6 -3.24 -11.28 8.66
CA HIS B 6 -2.93 -9.94 9.16
C HIS B 6 -3.90 -8.92 8.57
N HIS B 7 -4.46 -8.08 9.44
CA HIS B 7 -5.44 -7.07 9.04
C HIS B 7 -5.00 -5.99 8.06
N HIS B 8 -3.72 -5.89 7.78
CA HIS B 8 -3.29 -4.90 6.81
C HIS B 8 -2.60 -5.60 5.63
N SER B 9 -2.97 -6.85 5.42
CA SER B 9 -2.38 -7.61 4.32
C SER B 9 -2.79 -7.10 2.95
N HIS B 10 -3.86 -6.31 2.90
CA HIS B 10 -4.36 -5.74 1.65
C HIS B 10 -3.80 -4.33 1.45
N LEU B 12 -0.25 -3.66 1.19
CA LEU B 12 1.16 -3.85 0.93
C LEU B 12 1.73 -2.73 0.06
N ARG B 13 3.05 -2.59 0.08
N ARG B 13 3.06 -2.56 0.08
CA ARG B 13 3.74 -1.55 -0.64
CA ARG B 13 3.78 -1.43 -0.54
C ARG B 13 5.11 -1.97 -1.12
C ARG B 13 5.11 -1.94 -1.09
N THR B 14 5.50 -1.43 -2.24
CA THR B 14 6.89 -1.76 -2.72
CA THR B 14 6.84 -1.65 -2.77
C THR B 14 7.81 -0.62 -2.19
N TYR B 15 9.05 -0.99 -1.87
CA TYR B 15 10.03 -0.03 -1.37
C TYR B 15 11.31 -0.11 -2.19
N GLU B 16 11.93 1.04 -2.42
CA GLU B 16 13.17 1.11 -3.20
C GLU B 16 14.42 0.69 -2.45
N ASN B 17 14.51 1.08 -1.17
CA ASN B 17 15.65 0.74 -0.34
C ASN B 17 15.33 0.86 1.15
N LYS B 18 16.29 0.48 1.99
CA LYS B 18 16.10 0.54 3.43
C LYS B 18 15.77 1.95 3.91
N GLU B 19 16.39 2.95 3.31
CA GLU B 19 16.14 4.32 3.73
C GLU B 19 14.71 4.77 3.48
N GLU B 20 14.11 4.32 2.37
CA GLU B 20 12.75 4.71 2.05
C GLU B 20 11.79 4.10 3.08
N LEU B 21 12.05 2.86 3.48
CA LEU B 21 11.23 2.16 4.48
C LEU B 21 11.36 2.93 5.81
N LYS B 22 12.58 3.22 6.23
CA LYS B 22 12.80 3.93 7.49
C LYS B 22 12.14 5.30 7.47
N ALA B 23 12.29 6.03 6.37
CA ALA B 23 11.71 7.36 6.27
C ALA B 23 10.19 7.35 6.35
N GLU B 24 9.57 6.34 5.76
CA GLU B 24 8.11 6.24 5.77
C GLU B 24 7.60 5.79 7.14
N ILE B 25 8.37 4.94 7.83
CA ILE B 25 7.94 4.50 9.16
C ILE B 25 7.94 5.74 10.06
N GLU B 26 9.00 6.55 10.01
CA GLU B 26 9.08 7.74 10.85
C GLU B 26 8.01 8.76 10.49
N LYS B 27 7.83 9.00 9.19
CA LYS B 27 6.83 9.96 8.70
C LYS B 27 5.44 9.58 9.20
N THR B 28 5.05 8.32 8.99
CA THR B 28 3.73 7.89 9.41
C THR B 28 3.61 7.79 10.93
N PHE B 29 4.71 7.46 11.60
CA PHE B 29 4.68 7.38 13.06
C PHE B 29 4.50 8.79 13.63
N GLU B 30 5.25 9.76 13.08
CA GLU B 30 5.16 11.14 13.56
C GLU B 30 3.74 11.70 13.37
N LYS B 31 3.15 11.45 12.21
CA LYS B 31 1.79 11.94 11.94
C LYS B 31 0.76 11.22 12.80
N TYR B 32 1.02 9.95 13.11
CA TYR B 32 0.10 9.18 13.95
C TYR B 32 0.24 9.65 15.41
N ILE B 33 1.47 9.75 15.90
CA ILE B 33 1.72 10.14 17.28
C ILE B 33 1.38 11.59 17.63
N LEU B 34 1.53 12.51 16.68
CA LEU B 34 1.22 13.91 16.93
C LEU B 34 -0.26 14.09 17.28
N GLU B 35 -1.10 13.18 16.81
CA GLU B 35 -2.53 13.25 17.07
C GLU B 35 -2.86 13.09 18.56
N PHE B 36 -1.95 12.45 19.29
CA PHE B 36 -2.16 12.21 20.71
C PHE B 36 -1.66 13.34 21.61
N ASP B 37 -1.01 14.35 21.02
CA ASP B 37 -0.49 15.46 21.81
C ASP B 37 -1.52 16.32 22.52
N ASN B 38 -2.76 16.30 22.06
CA ASN B 38 -3.81 17.06 22.74
C ASN B 38 -4.91 16.17 23.30
N ILE B 39 -4.61 14.88 23.44
CA ILE B 39 -5.57 13.97 24.03
C ILE B 39 -5.11 13.90 25.50
N PRO B 40 -5.98 14.28 26.43
CA PRO B 40 -5.64 14.26 27.86
C PRO B 40 -5.64 12.88 28.48
N GLU B 41 -4.76 12.68 29.45
CA GLU B 41 -4.65 11.40 30.14
C GLU B 41 -5.98 10.95 30.75
N ASN B 42 -6.75 11.87 31.35
CA ASN B 42 -8.01 11.49 31.98
C ASN B 42 -9.08 10.95 31.02
N LEU B 43 -8.85 11.14 29.71
CA LEU B 43 -9.79 10.65 28.69
C LEU B 43 -9.16 9.53 27.87
N LYS B 44 -8.05 8.96 28.35
CA LYS B 44 -7.37 7.88 27.63
C LYS B 44 -8.20 6.60 27.49
N ASP B 45 -9.13 6.40 28.42
CA ASP B 45 -9.98 5.21 28.43
C ASP B 45 -11.42 5.52 28.01
N LYS B 46 -11.65 6.73 27.52
CA LYS B 46 -12.99 7.12 27.10
C LYS B 46 -13.30 6.57 25.71
N ARG B 47 -14.35 5.76 25.65
CA ARG B 47 -14.77 5.15 24.39
C ARG B 47 -15.77 6.02 23.63
N ALA B 48 -15.71 5.98 22.31
CA ALA B 48 -16.64 6.73 21.46
C ALA B 48 -17.48 5.68 20.74
N ASP B 49 -18.68 6.07 20.32
CA ASP B 49 -19.61 5.15 19.67
C ASP B 49 -19.24 4.44 18.38
N GLU B 50 -18.81 5.20 17.39
CA GLU B 50 -18.45 4.60 16.12
C GLU B 50 -16.95 4.34 15.96
N VAL B 51 -16.24 4.33 17.08
CA VAL B 51 -14.80 4.09 17.09
C VAL B 51 -14.57 2.94 18.09
N ASP B 52 -14.04 1.82 17.59
CA ASP B 52 -13.81 0.64 18.43
C ASP B 52 -12.89 0.76 19.62
N ARG B 53 -11.82 1.52 19.44
CA ARG B 53 -10.82 1.67 20.48
C ARG B 53 -10.68 3.02 21.14
N THR B 54 -10.31 2.99 22.41
CA THR B 54 -10.07 4.20 23.19
C THR B 54 -8.67 4.66 22.72
N PRO B 55 -8.25 5.88 23.07
CA PRO B 55 -6.92 6.35 22.67
C PRO B 55 -5.84 5.39 23.19
N ALA B 56 -5.98 4.96 24.44
CA ALA B 56 -5.01 4.04 25.04
C ALA B 56 -4.99 2.68 24.33
N GLU B 57 -6.17 2.15 23.99
CA GLU B 57 -6.27 0.85 23.31
C GLU B 57 -5.69 0.94 21.89
N ASN B 58 -5.82 2.10 21.27
CA ASN B 58 -5.32 2.35 19.92
C ASN B 58 -3.78 2.28 20.01
N LEU B 59 -3.18 2.96 21.00
CA LEU B 59 -1.73 2.92 21.19
C LEU B 59 -1.28 1.50 21.58
N ALA B 60 -2.04 0.86 22.47
CA ALA B 60 -1.70 -0.50 22.93
C ALA B 60 -1.59 -1.49 21.77
N TYR B 61 -2.43 -1.31 20.76
CA TYR B 61 -2.43 -2.18 19.59
C TYR B 61 -1.08 -2.07 18.87
N GLN B 62 -0.57 -0.84 18.71
CA GLN B 62 0.69 -0.63 18.03
C GLN B 62 1.86 -1.15 18.89
N VAL B 63 1.80 -0.88 20.20
CA VAL B 63 2.85 -1.32 21.12
C VAL B 63 2.89 -2.84 21.09
N GLY B 64 1.71 -3.46 21.08
CA GLY B 64 1.62 -4.90 21.05
C GLY B 64 2.27 -5.52 19.83
N TRP B 65 1.84 -5.09 18.65
CA TRP B 65 2.40 -5.62 17.40
C TRP B 65 3.88 -5.31 17.23
N THR B 66 4.31 -4.09 17.55
CA THR B 66 5.72 -3.77 17.37
C THR B 66 6.61 -4.54 18.36
N ASN B 67 6.09 -4.83 19.55
CA ASN B 67 6.87 -5.60 20.53
C ASN B 67 7.06 -7.02 19.97
N LEU B 68 6.04 -7.56 19.32
CA LEU B 68 6.14 -8.90 18.76
C LEU B 68 7.16 -8.95 17.62
N VAL B 69 7.12 -8.00 16.68
CA VAL B 69 8.08 -8.02 15.57
C VAL B 69 9.50 -7.94 16.10
N LEU B 70 9.73 -7.07 17.08
CA LEU B 70 11.06 -6.91 17.67
C LEU B 70 11.49 -8.20 18.37
N LYS B 71 10.54 -8.88 19.02
CA LYS B 71 10.84 -10.12 19.73
C LYS B 71 11.21 -11.24 18.76
N TRP B 72 10.49 -11.33 17.64
CA TRP B 72 10.78 -12.35 16.64
C TRP B 72 12.24 -12.24 16.21
N GLU B 73 12.64 -11.03 15.85
CA GLU B 73 14.01 -10.79 15.38
C GLU B 73 15.07 -10.98 16.46
N GLU B 74 14.80 -10.49 17.66
CA GLU B 74 15.76 -10.64 18.75
C GLU B 74 15.91 -12.11 19.15
N ASP B 75 14.81 -12.84 19.23
CA ASP B 75 14.88 -14.25 19.62
C ASP B 75 15.62 -15.09 18.59
N GLU B 76 15.36 -14.85 17.30
CA GLU B 76 16.04 -15.61 16.27
C GLU B 76 17.53 -15.27 16.28
N ARG B 77 17.85 -14.02 16.63
CA ARG B 77 19.24 -13.55 16.70
C ARG B 77 20.02 -14.38 17.71
N LYS B 78 19.35 -14.73 18.81
CA LYS B 78 19.95 -15.54 19.87
C LYS B 78 19.80 -17.02 19.51
N GLY B 79 19.29 -17.27 18.31
CA GLY B 79 19.09 -18.64 17.84
C GLY B 79 17.90 -19.33 18.47
N LEU B 80 17.22 -18.64 19.37
CA LEU B 80 16.06 -19.20 20.05
C LEU B 80 14.92 -19.47 19.07
N GLN B 81 14.03 -20.38 19.43
CA GLN B 81 12.91 -20.71 18.57
C GLN B 81 11.83 -19.65 18.76
N VAL B 82 11.11 -19.39 17.69
CA VAL B 82 10.10 -18.34 17.64
C VAL B 82 8.74 -18.77 17.12
N LYS B 83 7.69 -18.39 17.83
CA LYS B 83 6.34 -18.71 17.37
C LYS B 83 5.70 -17.39 16.95
N THR B 84 5.07 -17.37 15.78
CA THR B 84 4.39 -16.16 15.33
C THR B 84 2.89 -16.45 15.19
N PRO B 85 2.03 -15.46 15.47
CA PRO B 85 2.35 -14.07 15.84
C PRO B 85 2.91 -13.97 17.27
N SER B 86 2.47 -14.88 18.13
CA SER B 86 2.95 -14.89 19.51
C SER B 86 3.01 -16.31 20.05
N ASP B 87 3.54 -16.47 21.26
CA ASP B 87 3.64 -17.78 21.87
C ASP B 87 2.29 -18.21 22.44
N LYS B 88 1.38 -17.25 22.62
CA LYS B 88 0.06 -17.57 23.15
C LYS B 88 -1.02 -17.69 22.09
N PHE B 89 -0.83 -16.99 20.97
CA PHE B 89 -1.84 -17.00 19.93
C PHE B 89 -1.33 -17.22 18.51
N LYS B 90 -2.10 -17.97 17.71
CA LYS B 90 -1.72 -18.23 16.34
C LYS B 90 -2.37 -17.24 15.39
N TRP B 91 -1.99 -17.29 14.12
CA TRP B 91 -2.51 -16.35 13.14
C TRP B 91 -4.02 -16.37 12.95
N ASN B 92 -4.66 -17.43 13.40
CA ASN B 92 -6.12 -17.55 13.27
C ASN B 92 -6.82 -17.05 14.53
N GLN B 93 -6.05 -16.53 15.48
CA GLN B 93 -6.61 -16.02 16.74
C GLN B 93 -6.25 -14.54 16.96
N LEU B 94 -6.25 -13.73 15.90
CA LEU B 94 -5.89 -12.32 16.08
C LEU B 94 -6.83 -11.55 17.01
N GLY B 95 -8.11 -11.93 17.02
CA GLY B 95 -9.06 -11.27 17.91
C GLY B 95 -8.64 -11.49 19.35
N GLU B 96 -8.26 -12.71 19.70
CA GLU B 96 -7.83 -13.03 21.06
C GLU B 96 -6.52 -12.31 21.36
N LEU B 97 -5.66 -12.19 20.35
CA LEU B 97 -4.39 -11.51 20.55
C LEU B 97 -4.60 -10.02 20.81
N TYR B 98 -5.55 -9.41 20.11
CA TYR B 98 -5.81 -7.99 20.30
C TYR B 98 -6.36 -7.71 21.69
N GLN B 99 -7.15 -8.63 22.22
CA GLN B 99 -7.70 -8.41 23.56
C GLN B 99 -6.52 -8.50 24.53
N TRP B 100 -5.56 -9.38 24.23
CA TRP B 100 -4.39 -9.56 25.08
C TRP B 100 -3.59 -8.24 25.06
N PHE B 101 -3.52 -7.56 23.91
CA PHE B 101 -2.81 -6.28 23.82
C PHE B 101 -3.47 -5.30 24.79
N THR B 102 -4.80 -5.25 24.77
CA THR B 102 -5.54 -4.36 25.65
C THR B 102 -5.30 -4.71 27.13
N ASP B 103 -5.43 -5.98 27.49
CA ASP B 103 -5.22 -6.39 28.88
C ASP B 103 -3.81 -6.10 29.38
N THR B 104 -2.84 -6.29 28.49
CA THR B 104 -1.43 -6.12 28.82
C THR B 104 -0.87 -4.71 28.86
N TYR B 105 -1.39 -3.86 27.97
CA TYR B 105 -0.87 -2.51 27.83
C TYR B 105 -1.79 -1.31 27.98
N ALA B 106 -3.08 -1.49 27.73
CA ALA B 106 -3.97 -0.36 27.75
C ALA B 106 -4.17 0.43 29.04
N HIS B 107 -3.84 -0.21 30.14
CA HIS B 107 -3.95 0.38 31.46
C HIS B 107 -2.87 1.43 31.70
N LEU B 108 -1.82 1.40 30.87
CA LEU B 108 -0.72 2.34 30.99
C LEU B 108 -1.16 3.76 30.58
N SER B 109 -0.36 4.75 30.94
CA SER B 109 -0.68 6.13 30.60
C SER B 109 -0.34 6.36 29.12
N LEU B 110 -0.90 7.40 28.52
CA LEU B 110 -0.62 7.69 27.12
C LEU B 110 0.87 8.05 27.05
N GLN B 111 1.38 8.72 28.08
CA GLN B 111 2.79 9.11 28.13
C GLN B 111 3.65 7.84 28.08
N GLU B 112 3.28 6.85 28.89
CA GLU B 112 3.99 5.57 28.95
C GLU B 112 3.88 4.81 27.63
N LEU B 113 2.69 4.77 27.04
CA LEU B 113 2.49 4.07 25.78
C LEU B 113 3.28 4.77 24.67
N LYS B 114 3.27 6.10 24.62
CA LYS B 114 4.01 6.81 23.59
C LYS B 114 5.52 6.55 23.75
N ALA B 115 6.00 6.51 24.99
CA ALA B 115 7.43 6.27 25.21
C ALA B 115 7.83 4.91 24.69
N LYS B 116 7.00 3.90 24.94
CA LYS B 116 7.26 2.54 24.49
C LYS B 116 7.20 2.43 22.97
N LEU B 117 6.22 3.08 22.34
CA LEU B 117 6.10 3.01 20.89
C LEU B 117 7.29 3.74 20.27
N ASN B 118 7.64 4.90 20.82
CA ASN B 118 8.78 5.68 20.30
C ASN B 118 10.05 4.83 20.39
N GLU B 119 10.24 4.16 21.54
CA GLU B 119 11.40 3.30 21.75
C GLU B 119 11.36 2.17 20.71
N ASN B 120 10.17 1.60 20.50
CA ASN B 120 10.05 0.52 19.53
C ASN B 120 10.35 0.99 18.10
N ILE B 121 9.95 2.22 17.76
CA ILE B 121 10.23 2.72 16.42
C ILE B 121 11.74 2.96 16.29
N ASN B 122 12.39 3.40 17.36
CA ASN B 122 13.84 3.62 17.36
C ASN B 122 14.48 2.25 17.10
N SER B 123 13.99 1.24 17.80
CA SER B 123 14.50 -0.12 17.69
C SER B 123 14.28 -0.72 16.31
N ILE B 124 13.12 -0.46 15.71
CA ILE B 124 12.83 -0.98 14.38
C ILE B 124 13.75 -0.31 13.36
N SER B 125 14.06 0.98 13.54
CA SER B 125 14.94 1.68 12.63
C SER B 125 16.36 1.08 12.76
N ALA B 126 16.77 0.80 13.99
CA ALA B 126 18.08 0.22 14.26
C ALA B 126 18.11 -1.20 13.67
N ILE B 128 16.44 -2.27 11.10
CA ILE B 128 16.54 -2.12 9.65
C ILE B 128 18.00 -1.81 9.28
N ASP B 129 18.66 -0.97 10.09
CA ASP B 129 20.05 -0.62 9.84
C ASP B 129 20.97 -1.83 10.03
N SER B 130 20.58 -2.73 10.93
CA SER B 130 21.38 -3.93 11.21
C SER B 130 21.25 -4.99 10.12
N LEU B 131 20.05 -5.11 9.57
CA LEU B 131 19.80 -6.09 8.51
C LEU B 131 20.42 -5.65 7.20
N SER B 132 20.82 -6.61 6.37
CA SER B 132 21.40 -6.28 5.08
C SER B 132 20.23 -6.03 4.13
N GLU B 133 20.50 -5.41 2.98
CA GLU B 133 19.45 -5.14 2.01
C GLU B 133 18.83 -6.46 1.58
N GLU B 134 19.66 -7.50 1.54
CA GLU B 134 19.22 -8.83 1.15
C GLU B 134 18.29 -9.39 2.24
N GLU B 135 18.71 -9.27 3.49
CA GLU B 135 17.93 -9.77 4.63
C GLU B 135 16.56 -9.13 4.78
N LEU B 136 16.47 -7.87 4.40
CA LEU B 136 15.23 -7.14 4.50
C LEU B 136 14.29 -7.29 3.32
N PHE B 137 14.86 -7.32 2.13
CA PHE B 137 14.07 -7.38 0.91
C PHE B 137 13.91 -8.66 0.11
N GLU B 138 14.70 -9.68 0.44
CA GLU B 138 14.59 -10.92 -0.30
C GLU B 138 13.91 -11.99 0.58
N PRO B 139 13.17 -12.90 -0.06
CA PRO B 139 12.48 -13.97 0.67
C PRO B 139 13.43 -15.00 1.27
N HIS B 140 12.96 -15.70 2.28
CA HIS B 140 13.72 -16.76 2.94
C HIS B 140 15.05 -16.34 3.57
N ARG B 142 14.85 -15.07 6.94
CA ARG B 142 14.58 -15.20 8.37
C ARG B 142 13.63 -16.36 8.60
N LYS B 143 13.93 -17.15 9.62
CA LYS B 143 13.10 -18.31 9.95
C LYS B 143 11.72 -17.82 10.37
N TRP B 144 11.66 -16.77 11.19
CA TRP B 144 10.38 -16.27 11.65
C TRP B 144 9.48 -15.77 10.52
N ALA B 145 10.07 -15.24 9.45
CA ALA B 145 9.28 -14.74 8.34
C ALA B 145 8.63 -15.89 7.55
N ASP B 146 9.35 -17.01 7.40
CA ASP B 146 8.82 -18.16 6.67
C ASP B 146 7.97 -19.10 7.53
N GLU B 147 8.18 -19.05 8.85
CA GLU B 147 7.50 -19.93 9.80
C GLU B 147 6.05 -20.35 9.63
N ALA B 148 5.19 -19.42 9.23
CA ALA B 148 3.78 -19.73 9.07
C ALA B 148 3.31 -19.73 7.62
N THR B 149 4.24 -19.67 6.69
CA THR B 149 3.92 -19.64 5.28
C THR B 149 3.15 -20.83 4.74
N LYS B 150 1.98 -20.54 4.19
CA LYS B 150 1.17 -21.60 3.59
C LYS B 150 1.35 -21.46 2.10
N THR B 151 0.93 -20.28 1.65
CA THR B 151 0.91 -19.86 0.27
C THR B 151 2.06 -19.07 -0.31
N ALA B 152 1.96 -17.76 -0.19
CA ALA B 152 2.98 -16.88 -0.69
C ALA B 152 3.89 -16.46 0.44
N THR B 153 5.18 -16.44 0.16
CA THR B 153 6.17 -16.04 1.14
C THR B 153 6.18 -14.52 1.27
N TRP B 154 6.43 -14.05 2.48
CA TRP B 154 6.54 -12.61 2.74
C TRP B 154 7.97 -12.36 3.21
N GLU B 155 8.60 -11.32 2.67
CA GLU B 155 9.97 -10.93 3.03
C GLU B 155 9.85 -10.18 4.37
N VAL B 156 10.97 -9.98 5.07
CA VAL B 156 10.96 -9.28 6.35
C VAL B 156 10.35 -7.87 6.26
N TYR B 157 10.67 -7.12 5.21
CA TYR B 157 10.13 -5.76 5.08
C TYR B 157 8.61 -5.69 5.08
N LYS B 158 7.95 -6.73 4.55
CA LYS B 158 6.49 -6.73 4.51
C LYS B 158 5.91 -6.83 5.93
N PHE B 159 6.53 -7.65 6.78
CA PHE B 159 6.07 -7.81 8.16
C PHE B 159 6.28 -6.50 8.91
N ILE B 160 7.38 -5.81 8.62
CA ILE B 160 7.64 -4.54 9.29
C ILE B 160 6.59 -3.54 8.79
N HIS B 161 6.44 -3.42 7.48
CA HIS B 161 5.47 -2.49 6.89
C HIS B 161 4.03 -2.64 7.37
N VAL B 162 3.48 -3.86 7.37
CA VAL B 162 2.09 -4.04 7.81
C VAL B 162 1.86 -3.84 9.29
N ASN B 163 2.93 -3.76 10.08
CA ASN B 163 2.76 -3.55 11.50
C ASN B 163 3.15 -2.13 11.91
N THR B 164 3.63 -1.32 10.95
CA THR B 164 4.02 0.07 11.23
C THR B 164 3.35 1.11 10.32
N VAL B 165 3.83 1.19 9.08
CA VAL B 165 3.32 2.17 8.12
C VAL B 165 1.82 2.04 7.86
N ALA B 166 1.37 0.82 7.60
CA ALA B 166 -0.03 0.60 7.30
C ALA B 166 -0.97 0.91 8.49
N PRO B 167 -0.75 0.33 9.68
CA PRO B 167 -1.67 0.66 10.77
C PRO B 167 -1.49 2.11 11.28
N PHE B 168 -0.31 2.69 11.08
CA PHE B 168 -0.11 4.08 11.53
C PHE B 168 -1.00 4.96 10.68
N GLY B 169 -1.25 4.54 9.44
CA GLY B 169 -2.15 5.32 8.60
C GLY B 169 -3.61 5.05 8.96
N THR B 170 -4.03 3.79 9.08
CA THR B 170 -5.43 3.51 9.42
C THR B 170 -5.86 3.92 10.82
N PHE B 171 -4.99 3.71 11.80
CA PHE B 171 -5.35 4.09 13.17
C PHE B 171 -5.22 5.59 13.38
N ARG B 172 -4.56 6.29 12.46
CA ARG B 172 -4.45 7.74 12.58
C ARG B 172 -5.85 8.23 12.16
N THR B 173 -6.45 7.59 11.17
CA THR B 173 -7.78 7.98 10.72
C THR B 173 -8.76 7.74 11.87
N LYS B 174 -8.61 6.62 12.56
CA LYS B 174 -9.50 6.30 13.67
C LYS B 174 -9.33 7.27 14.84
N ILE B 175 -8.10 7.60 15.24
CA ILE B 175 -7.91 8.52 16.35
C ILE B 175 -8.39 9.94 16.02
N ARG B 176 -8.29 10.35 14.75
CA ARG B 176 -8.77 11.68 14.36
C ARG B 176 -10.30 11.68 14.49
N LYS B 177 -10.95 10.58 14.11
CA LYS B 177 -12.40 10.52 14.23
C LYS B 177 -12.80 10.56 15.70
N TRP B 178 -12.02 9.90 16.55
CA TRP B 178 -12.32 9.90 17.99
C TRP B 178 -12.19 11.32 18.55
N LYS B 179 -11.20 12.07 18.05
CA LYS B 179 -10.99 13.43 18.53
C LYS B 179 -12.04 14.43 18.06
N LYS B 180 -12.85 14.05 17.07
CA LYS B 180 -13.90 14.95 16.61
C LYS B 180 -15.16 14.69 17.42
N ILE B 181 -15.38 13.44 17.82
CA ILE B 181 -16.57 13.08 18.61
C ILE B 181 -16.46 13.47 20.07
N VAL B 182 -15.31 13.19 20.64
CA VAL B 182 -15.04 13.44 22.06
C VAL B 182 -14.37 14.74 22.44
N LEU B 183 -13.36 15.09 21.63
CA LEU B 183 -12.46 16.25 21.76
C LEU B 183 -11.37 15.75 22.72
#